data_9MH4
#
_entry.id   9MH4
#
_cell.length_a   138.654
_cell.length_b   138.654
_cell.length_c   138.654
_cell.angle_alpha   90.00
_cell.angle_beta   90.00
_cell.angle_gamma   90.00
#
_symmetry.space_group_name_H-M   'P 21 3'
#
_entity_poly.entity_id   1
_entity_poly.type   'polypeptide(L)'
_entity_poly.pdbx_seq_one_letter_code
;MAHHHHHHMSNSAMSVVILAAGKGTRMYSDLPKVLHTLAGKPMVQHVIDAAKDLGAAAVHLVYGHGGDLLRQTLHEDNLN
WVLQAEQLGTGHAMQQAAPFFSDDEDILMLYGDVPLISVETLQRLRAAKPQGGIGLLTVKLDDPTGYGRITRENGQVTGI
VEHKDASEAQRQIQEINTGILVANGADLKRWLAKLTNNNAQGEYYITDIIAMAYQEGHEIVAVHPQRLSEVEGVNNRLQL
ARLERVYQSEQAEKLLLAGVMLRDPARFDLRGVLKHGRDVEIDTNVILQGHVVLGDRVKIGAGCVIKDSVIGDDCEISPY
SVVEDAQLQAACTIGPFARLRPGAELLEGAHVGNFVEMKKARLGKGSKAGHLSYLGDAEIGDNVNIGAGTITCNYDGANK
HKTIIGDDVFVGSDTQLVAPVSVGNGVTIAAGTTVTRNIADNELVLSRVPQVHKQGWQRPVKKK
;
_entity_poly.pdbx_strand_id   A
#
# COMPACT_ATOMS: atom_id res chain seq x y z
N SER A 12 18.08 12.95 17.17
CA SER A 12 17.21 13.84 17.94
C SER A 12 15.78 13.78 17.41
N ALA A 13 14.93 14.72 17.84
CA ALA A 13 13.56 14.77 17.36
C ALA A 13 13.51 15.24 15.90
N MET A 14 12.41 14.89 15.22
CA MET A 14 12.25 15.23 13.82
C MET A 14 10.77 15.44 13.49
N SER A 15 10.53 16.18 12.41
CA SER A 15 9.21 16.26 11.78
C SER A 15 9.41 16.19 10.27
N VAL A 16 8.32 15.91 9.56
CA VAL A 16 8.34 15.76 8.10
C VAL A 16 7.38 16.76 7.48
N VAL A 17 7.81 17.39 6.39
CA VAL A 17 6.96 18.23 5.56
C VAL A 17 6.74 17.48 4.26
N ILE A 18 5.51 17.08 3.98
CA ILE A 18 5.15 16.49 2.70
C ILE A 18 4.49 17.57 1.85
N LEU A 19 4.93 17.68 0.60
CA LEU A 19 4.41 18.67 -0.33
C LEU A 19 3.47 18.00 -1.33
N ALA A 20 2.18 18.34 -1.25
CA ALA A 20 1.19 17.95 -2.24
C ALA A 20 0.63 19.15 -2.98
N ALA A 21 1.38 20.25 -3.04
CA ALA A 21 0.85 21.47 -3.65
C ALA A 21 0.80 21.33 -5.16
N GLY A 22 1.75 20.64 -5.76
CA GLY A 22 1.81 20.51 -7.20
C GLY A 22 0.48 20.05 -7.78
N LYS A 23 0.01 20.75 -8.80
CA LYS A 23 -1.28 20.44 -9.41
C LYS A 23 -1.09 19.47 -10.56
N GLY A 24 -1.99 18.49 -10.63
CA GLY A 24 -1.80 17.30 -11.44
C GLY A 24 -2.54 17.28 -12.76
N THR A 25 -2.44 18.39 -13.50
CA THR A 25 -3.22 18.51 -14.74
C THR A 25 -2.95 17.35 -15.69
N ARG A 26 -1.70 16.92 -15.81
CA ARG A 26 -1.37 15.83 -16.74
C ARG A 26 -2.05 14.52 -16.36
N MET A 27 -2.42 14.36 -15.08
CA MET A 27 -3.18 13.19 -14.67
C MET A 27 -4.55 13.15 -15.33
N TYR A 28 -5.10 14.32 -15.67
CA TYR A 28 -6.44 14.41 -16.27
C TYR A 28 -7.46 13.79 -15.33
N SER A 29 -7.46 14.26 -14.09
CA SER A 29 -8.27 13.66 -13.05
C SER A 29 -8.92 14.73 -12.19
N ASP A 30 -10.07 14.35 -11.62
CA ASP A 30 -10.72 15.13 -10.57
C ASP A 30 -10.12 14.85 -9.20
N LEU A 31 -9.57 13.66 -9.01
CA LEU A 31 -8.90 13.30 -7.77
C LEU A 31 -7.51 13.94 -7.71
N PRO A 32 -7.15 14.59 -6.60
CA PRO A 32 -5.82 15.21 -6.52
C PRO A 32 -4.74 14.17 -6.77
N LYS A 33 -3.66 14.61 -7.42
CA LYS A 33 -2.65 13.68 -7.90
C LYS A 33 -2.14 12.78 -6.77
N VAL A 34 -1.77 13.36 -5.63
CA VAL A 34 -1.11 12.57 -4.60
C VAL A 34 -1.97 11.48 -4.02
N LEU A 35 -3.28 11.52 -4.24
CA LEU A 35 -4.16 10.48 -3.71
C LEU A 35 -4.23 9.25 -4.61
N HIS A 36 -3.88 9.39 -5.89
CA HIS A 36 -3.88 8.24 -6.79
C HIS A 36 -3.06 7.09 -6.20
N THR A 37 -3.50 5.87 -6.45
CA THR A 37 -2.94 4.72 -5.77
C THR A 37 -1.73 4.14 -6.50
N LEU A 38 -0.82 3.60 -5.70
CA LEU A 38 0.28 2.77 -6.15
C LEU A 38 0.26 1.56 -5.23
N ALA A 39 -0.08 0.39 -5.78
CA ALA A 39 -0.12 -0.84 -4.99
C ALA A 39 -1.19 -0.75 -3.89
N GLY A 40 -2.35 -0.20 -4.25
CA GLY A 40 -3.49 -0.18 -3.35
C GLY A 40 -3.46 0.90 -2.29
N LYS A 41 -2.46 1.75 -2.29
CA LYS A 41 -2.26 2.77 -1.27
C LYS A 41 -1.94 4.09 -1.95
N PRO A 42 -2.55 5.19 -1.53
CA PRO A 42 -2.25 6.48 -2.19
C PRO A 42 -0.77 6.80 -2.10
N MET A 43 -0.25 7.44 -3.16
CA MET A 43 1.16 7.79 -3.17
C MET A 43 1.56 8.51 -1.89
N VAL A 44 0.81 9.56 -1.54
CA VAL A 44 1.18 10.36 -0.39
C VAL A 44 1.20 9.49 0.86
N GLN A 45 0.33 8.49 0.92
CA GLN A 45 0.32 7.61 2.10
C GLN A 45 1.60 6.79 2.19
N HIS A 46 2.21 6.44 1.06
CA HIS A 46 3.55 5.85 1.11
C HIS A 46 4.50 6.77 1.84
N VAL A 47 4.46 8.07 1.51
CA VAL A 47 5.35 9.04 2.14
C VAL A 47 5.01 9.21 3.61
N ILE A 48 3.72 9.25 3.94
CA ILE A 48 3.32 9.39 5.33
C ILE A 48 3.80 8.20 6.14
N ASP A 49 3.66 7.00 5.56
CA ASP A 49 4.06 5.79 6.25
C ASP A 49 5.57 5.75 6.47
N ALA A 50 6.34 6.23 5.50
CA ALA A 50 7.78 6.35 5.72
C ALA A 50 8.07 7.28 6.89
N ALA A 51 7.33 8.39 6.97
CA ALA A 51 7.59 9.38 8.01
C ALA A 51 7.32 8.80 9.39
N LYS A 52 6.28 7.97 9.52
CA LYS A 52 5.96 7.38 10.81
C LYS A 52 7.00 6.34 11.20
N ASP A 53 7.50 5.56 10.24
CA ASP A 53 8.56 4.60 10.54
C ASP A 53 9.78 5.32 11.08
N LEU A 54 10.18 6.42 10.43
CA LEU A 54 11.26 7.25 10.92
C LEU A 54 10.97 7.88 12.26
N GLY A 55 9.72 7.85 12.70
CA GLY A 55 9.37 8.40 13.99
C GLY A 55 9.09 9.89 14.00
N ALA A 56 8.71 10.46 12.86
CA ALA A 56 8.44 11.89 12.81
C ALA A 56 7.34 12.25 13.79
N ALA A 57 7.58 13.31 14.57
CA ALA A 57 6.60 13.76 15.55
C ALA A 57 5.36 14.35 14.89
N ALA A 58 5.56 15.15 13.84
CA ALA A 58 4.47 15.75 13.10
C ALA A 58 4.72 15.56 11.62
N VAL A 59 3.65 15.56 10.84
CA VAL A 59 3.74 15.50 9.38
C VAL A 59 2.91 16.67 8.85
N HIS A 60 3.59 17.72 8.44
CA HIS A 60 2.95 18.91 7.87
C HIS A 60 2.73 18.65 6.38
N LEU A 61 1.47 18.45 6.00
CA LEU A 61 1.10 18.25 4.61
C LEU A 61 0.68 19.58 4.00
N VAL A 62 1.32 19.97 2.90
CA VAL A 62 1.10 21.27 2.28
C VAL A 62 0.35 21.03 0.98
N TYR A 63 -0.86 21.55 0.88
CA TYR A 63 -1.75 21.32 -0.25
C TYR A 63 -2.22 22.64 -0.81
N GLY A 64 -2.59 22.65 -2.08
CA GLY A 64 -3.09 23.86 -2.70
C GLY A 64 -4.44 23.69 -3.35
N HIS A 65 -4.96 22.46 -3.35
CA HIS A 65 -6.20 22.17 -4.05
C HIS A 65 -6.73 20.84 -3.54
N GLY A 66 -8.02 20.61 -3.77
CA GLY A 66 -8.60 19.35 -3.37
C GLY A 66 -8.48 19.11 -1.88
N GLY A 67 -8.67 20.15 -1.08
CA GLY A 67 -8.58 19.98 0.35
C GLY A 67 -9.61 18.99 0.87
N ASP A 68 -10.84 19.09 0.38
CA ASP A 68 -11.91 18.24 0.90
C ASP A 68 -11.56 16.77 0.74
N LEU A 69 -11.14 16.38 -0.47
CA LEU A 69 -10.80 14.98 -0.71
C LEU A 69 -9.61 14.53 0.10
N LEU A 70 -8.64 15.42 0.33
CA LEU A 70 -7.44 15.01 1.05
C LEU A 70 -7.76 14.69 2.51
N ARG A 71 -8.50 15.58 3.20
CA ARG A 71 -8.91 15.30 4.57
C ARG A 71 -9.83 14.09 4.63
N GLN A 72 -10.67 13.93 3.61
CA GLN A 72 -11.61 12.80 3.59
C GLN A 72 -10.85 11.48 3.54
N THR A 73 -9.77 11.44 2.78
CA THR A 73 -9.04 10.19 2.54
C THR A 73 -8.01 9.89 3.61
N LEU A 74 -7.30 10.91 4.08
CA LEU A 74 -6.11 10.74 4.91
C LEU A 74 -6.42 11.12 6.34
N HIS A 75 -6.25 10.17 7.26
CA HIS A 75 -6.54 10.40 8.68
C HIS A 75 -5.36 9.88 9.47
N GLU A 76 -4.60 10.78 10.05
CA GLU A 76 -3.53 10.43 10.97
C GLU A 76 -3.60 11.36 12.18
N ASP A 77 -3.18 10.82 13.33
CA ASP A 77 -3.26 11.59 14.56
C ASP A 77 -2.34 12.80 14.52
N ASN A 78 -1.16 12.66 13.92
CA ASN A 78 -0.15 13.70 13.88
C ASN A 78 -0.20 14.54 12.60
N LEU A 79 -1.25 14.38 11.78
CA LEU A 79 -1.32 15.05 10.49
C LEU A 79 -1.69 16.52 10.65
N ASN A 80 -0.81 17.41 10.19
CA ASN A 80 -1.02 18.85 10.29
C ASN A 80 -1.20 19.40 8.87
N TRP A 81 -2.30 20.09 8.64
CA TRP A 81 -2.69 20.54 7.31
C TRP A 81 -2.29 21.99 7.12
N VAL A 82 -1.54 22.26 6.05
CA VAL A 82 -0.98 23.57 5.78
C VAL A 82 -1.39 23.97 4.37
N LEU A 83 -2.13 25.06 4.25
CA LEU A 83 -2.59 25.53 2.95
C LEU A 83 -1.50 26.36 2.30
N GLN A 84 -1.31 26.14 1.00
CA GLN A 84 -0.49 27.03 0.18
C GLN A 84 -1.47 27.76 -0.74
N ALA A 85 -1.76 29.02 -0.41
CA ALA A 85 -2.85 29.73 -1.09
C ALA A 85 -2.61 29.78 -2.59
N GLU A 86 -1.39 30.05 -3.01
CA GLU A 86 -1.01 30.03 -4.42
C GLU A 86 0.33 29.33 -4.57
N GLN A 87 0.57 28.81 -5.78
CA GLN A 87 1.68 27.88 -6.02
C GLN A 87 2.90 28.66 -6.48
N LEU A 88 3.61 29.22 -5.51
CA LEU A 88 4.80 30.02 -5.77
C LEU A 88 6.10 29.23 -5.57
N GLY A 89 6.03 27.92 -5.54
CA GLY A 89 7.22 27.09 -5.58
C GLY A 89 7.58 26.49 -4.22
N THR A 90 8.50 25.53 -4.28
CA THR A 90 8.84 24.74 -3.09
C THR A 90 9.23 25.63 -1.92
N GLY A 91 10.04 26.66 -2.19
CA GLY A 91 10.46 27.54 -1.13
C GLY A 91 9.27 28.22 -0.46
N HIS A 92 8.31 28.66 -1.26
CA HIS A 92 7.09 29.25 -0.71
C HIS A 92 6.35 28.25 0.17
N ALA A 93 6.23 27.01 -0.29
CA ALA A 93 5.51 26.00 0.48
C ALA A 93 6.15 25.77 1.84
N MET A 94 7.49 25.65 1.89
CA MET A 94 8.15 25.44 3.18
C MET A 94 7.95 26.63 4.10
N GLN A 95 7.79 27.83 3.55
CA GLN A 95 7.50 28.99 4.39
C GLN A 95 6.16 28.80 5.10
N GLN A 96 5.15 28.28 4.40
CA GLN A 96 3.84 28.09 5.00
C GLN A 96 3.91 27.17 6.22
N ALA A 97 4.75 26.13 6.16
CA ALA A 97 4.90 25.20 7.27
C ALA A 97 5.93 25.65 8.29
N ALA A 98 6.76 26.63 7.96
CA ALA A 98 7.87 27.00 8.84
C ALA A 98 7.42 27.35 10.25
N PRO A 99 6.31 28.06 10.46
CA PRO A 99 5.91 28.40 11.84
C PRO A 99 5.80 27.20 12.76
N PHE A 100 5.35 26.06 12.24
CA PHE A 100 5.17 24.86 13.04
C PHE A 100 6.48 24.13 13.32
N PHE A 101 7.56 24.49 12.62
CA PHE A 101 8.84 23.87 12.91
C PHE A 101 9.25 24.22 14.34
N SER A 102 9.77 23.23 15.05
CA SER A 102 10.38 23.46 16.34
C SER A 102 11.87 23.69 16.15
N ASP A 103 12.45 24.53 17.00
CA ASP A 103 13.86 24.88 16.83
C ASP A 103 14.75 23.65 16.98
N ASP A 104 14.50 22.83 18.01
CA ASP A 104 15.37 21.68 18.25
C ASP A 104 15.22 20.61 17.17
N GLU A 105 14.00 20.37 16.70
CA GLU A 105 13.76 19.24 15.82
C GLU A 105 14.38 19.45 14.45
N ASP A 106 14.97 18.39 13.90
CA ASP A 106 15.34 18.39 12.49
C ASP A 106 14.11 18.25 11.62
N ILE A 107 14.08 18.99 10.52
CA ILE A 107 12.94 19.02 9.60
C ILE A 107 13.36 18.35 8.30
N LEU A 108 12.59 17.35 7.89
CA LEU A 108 12.84 16.60 6.66
C LEU A 108 11.82 16.98 5.61
N MET A 109 12.27 17.18 4.38
CA MET A 109 11.43 17.68 3.29
C MET A 109 11.20 16.56 2.28
N LEU A 110 9.93 16.17 2.13
CA LEU A 110 9.53 15.08 1.27
C LEU A 110 8.43 15.56 0.34
N TYR A 111 8.13 14.73 -0.66
CA TYR A 111 7.15 15.07 -1.69
C TYR A 111 6.13 13.95 -1.80
N GLY A 112 4.86 14.33 -1.93
CA GLY A 112 3.79 13.37 -2.05
C GLY A 112 3.75 12.64 -3.38
N ASP A 113 4.36 13.21 -4.42
CA ASP A 113 4.44 12.53 -5.70
C ASP A 113 5.71 11.67 -5.85
N VAL A 114 6.51 11.53 -4.80
CA VAL A 114 7.68 10.65 -4.84
C VAL A 114 7.44 9.48 -3.89
N PRO A 115 6.63 8.50 -4.27
CA PRO A 115 6.18 7.50 -3.29
C PRO A 115 7.26 6.53 -2.86
N LEU A 116 8.25 6.26 -3.70
CA LEU A 116 9.12 5.12 -3.44
C LEU A 116 10.39 5.50 -2.68
N ILE A 117 10.45 6.70 -2.13
CA ILE A 117 11.59 7.05 -1.28
C ILE A 117 11.67 6.03 -0.16
N SER A 118 12.86 5.51 0.09
CA SER A 118 13.05 4.42 1.04
C SER A 118 13.37 4.94 2.43
N VAL A 119 12.85 4.24 3.44
CA VAL A 119 13.10 4.65 4.82
C VAL A 119 14.59 4.55 5.12
N GLU A 120 15.25 3.52 4.60
CA GLU A 120 16.67 3.34 4.88
C GLU A 120 17.48 4.50 4.30
N THR A 121 17.18 4.93 3.07
CA THR A 121 17.90 6.05 2.49
C THR A 121 17.67 7.31 3.31
N LEU A 122 16.47 7.48 3.88
CA LEU A 122 16.22 8.67 4.70
C LEU A 122 16.99 8.62 6.01
N GLN A 123 17.15 7.43 6.61
CA GLN A 123 17.95 7.32 7.82
C GLN A 123 19.39 7.75 7.56
N ARG A 124 19.96 7.33 6.43
CA ARG A 124 21.30 7.77 6.08
C ARG A 124 21.36 9.29 5.93
N LEU A 125 20.33 9.89 5.34
CA LEU A 125 20.33 11.33 5.14
C LEU A 125 20.42 12.07 6.48
N ARG A 126 19.68 11.59 7.49
CA ARG A 126 19.69 12.24 8.80
C ARG A 126 21.08 12.19 9.43
N ALA A 127 21.72 11.02 9.41
CA ALA A 127 23.05 10.89 9.99
C ALA A 127 24.02 11.86 9.31
N ALA A 128 23.85 12.05 8.00
CA ALA A 128 24.78 12.86 7.23
C ALA A 128 24.66 14.36 7.53
N LYS A 129 23.54 14.79 8.09
CA LYS A 129 23.35 16.22 8.30
C LYS A 129 24.41 16.71 9.28
N PRO A 130 25.29 17.64 8.89
CA PRO A 130 26.12 18.32 9.89
C PRO A 130 25.24 19.18 10.77
N GLN A 131 25.66 19.37 12.02
CA GLN A 131 24.90 20.25 12.90
C GLN A 131 24.94 21.67 12.35
N GLY A 132 23.83 22.38 12.50
CA GLY A 132 23.73 23.71 11.94
C GLY A 132 23.89 23.72 10.43
N GLY A 133 23.88 22.54 9.82
CA GLY A 133 24.08 22.40 8.40
C GLY A 133 22.92 21.71 7.70
N ILE A 134 23.18 21.18 6.51
CA ILE A 134 22.15 20.56 5.69
C ILE A 134 22.66 19.24 5.15
N GLY A 135 21.81 18.22 5.19
CA GLY A 135 22.02 16.99 4.47
C GLY A 135 21.07 16.94 3.27
N LEU A 136 21.64 16.66 2.11
CA LEU A 136 20.91 16.75 0.85
C LEU A 136 21.01 15.45 0.09
N LEU A 137 19.87 14.90 -0.31
CA LEU A 137 19.87 13.71 -1.15
C LEU A 137 20.17 14.11 -2.59
N THR A 138 21.15 13.46 -3.20
CA THR A 138 21.55 13.74 -4.57
C THR A 138 21.71 12.42 -5.32
N VAL A 139 21.75 12.50 -6.63
CA VAL A 139 21.89 11.31 -7.47
C VAL A 139 22.66 11.69 -8.71
N LYS A 140 23.33 10.70 -9.29
CA LYS A 140 24.12 10.85 -10.50
C LYS A 140 23.36 10.27 -11.68
N LEU A 141 23.19 11.05 -12.73
CA LEU A 141 22.42 10.64 -13.90
C LEU A 141 23.33 10.64 -15.12
N ASP A 142 23.23 9.58 -15.92
CA ASP A 142 24.00 9.53 -17.15
C ASP A 142 23.70 10.76 -18.03
N ASP A 143 22.46 11.24 -18.01
CA ASP A 143 22.07 12.44 -18.73
C ASP A 143 21.26 13.37 -17.84
N PRO A 144 21.92 14.32 -17.16
CA PRO A 144 21.17 15.38 -16.46
C PRO A 144 20.77 16.46 -17.45
N THR A 145 19.48 16.74 -17.51
CA THR A 145 18.96 17.77 -18.40
C THR A 145 17.80 18.45 -17.69
N GLY A 146 17.84 19.77 -17.61
CA GLY A 146 16.82 20.46 -16.86
C GLY A 146 16.86 20.18 -15.38
N TYR A 147 17.96 19.64 -14.88
CA TYR A 147 18.11 19.30 -13.47
C TYR A 147 19.11 20.22 -12.82
N GLY A 148 18.80 20.66 -11.61
CA GLY A 148 19.74 21.45 -10.83
C GLY A 148 21.00 20.66 -10.57
N ARG A 149 22.15 21.27 -10.78
CA ARG A 149 23.42 20.56 -10.70
C ARG A 149 24.12 20.89 -9.39
N ILE A 150 24.55 19.86 -8.68
CA ILE A 150 25.34 20.06 -7.47
C ILE A 150 26.68 20.65 -7.86
N THR A 151 27.08 21.73 -7.19
CA THR A 151 28.35 22.39 -7.42
C THR A 151 29.23 22.21 -6.20
N ARG A 152 30.38 21.56 -6.38
CA ARG A 152 31.28 21.23 -5.28
C ARG A 152 32.65 21.82 -5.58
N GLU A 153 33.22 22.50 -4.58
CA GLU A 153 34.58 23.02 -4.66
C GLU A 153 35.42 22.27 -3.62
N ASN A 154 36.52 21.66 -4.09
CA ASN A 154 37.38 20.87 -3.22
C ASN A 154 36.62 19.73 -2.56
N GLY A 155 35.62 19.19 -3.26
CA GLY A 155 34.85 18.06 -2.77
C GLY A 155 33.75 18.41 -1.80
N GLN A 156 33.54 19.69 -1.50
CA GLN A 156 32.54 20.14 -0.56
C GLN A 156 31.42 20.87 -1.32
N VAL A 157 30.18 20.61 -0.91
CA VAL A 157 29.05 21.20 -1.60
C VAL A 157 29.01 22.70 -1.33
N THR A 158 28.67 23.47 -2.37
CA THR A 158 28.60 24.92 -2.29
C THR A 158 27.26 25.50 -2.73
N GLY A 159 26.48 24.78 -3.53
CA GLY A 159 25.21 25.30 -3.97
C GLY A 159 24.59 24.40 -5.01
N ILE A 160 23.42 24.83 -5.49
CA ILE A 160 22.68 24.11 -6.52
C ILE A 160 22.37 25.10 -7.64
N VAL A 161 22.60 24.67 -8.87
CA VAL A 161 22.48 25.54 -10.02
C VAL A 161 21.35 25.00 -10.89
N GLU A 162 20.25 25.75 -10.97
CA GLU A 162 19.18 25.39 -11.88
C GLU A 162 19.74 25.25 -13.30
N HIS A 163 19.10 24.40 -14.10
CA HIS A 163 19.65 24.11 -15.43
C HIS A 163 19.61 25.35 -16.33
N LYS A 164 18.56 26.15 -16.24
CA LYS A 164 18.47 27.35 -17.07
C LYS A 164 19.64 28.29 -16.79
N ASP A 165 19.90 28.55 -15.51
CA ASP A 165 21.03 29.38 -15.11
C ASP A 165 22.36 28.66 -15.24
N ALA A 166 22.34 27.37 -15.56
CA ALA A 166 23.57 26.60 -15.60
C ALA A 166 24.51 27.16 -16.65
N SER A 167 25.78 27.32 -16.26
CA SER A 167 26.83 27.60 -17.23
C SER A 167 27.10 26.35 -18.05
N GLU A 168 27.97 26.50 -19.06
CA GLU A 168 28.26 25.35 -19.91
C GLU A 168 29.09 24.30 -19.19
N ALA A 169 30.00 24.72 -18.31
CA ALA A 169 30.72 23.76 -17.48
C ALA A 169 29.79 23.09 -16.49
N GLN A 170 28.85 23.84 -15.93
CA GLN A 170 27.93 23.28 -14.95
C GLN A 170 26.95 22.32 -15.59
N ARG A 171 26.65 22.49 -16.88
CA ARG A 171 25.83 21.52 -17.60
C ARG A 171 26.56 20.20 -17.81
N GLN A 172 27.83 20.11 -17.39
CA GLN A 172 28.59 18.89 -17.48
C GLN A 172 28.53 18.05 -16.20
N ILE A 173 27.95 18.57 -15.13
CA ILE A 173 27.98 17.89 -13.85
C ILE A 173 26.93 16.79 -13.82
N GLN A 174 27.37 15.57 -13.46
CA GLN A 174 26.46 14.42 -13.42
C GLN A 174 25.52 14.48 -12.22
N GLU A 175 25.97 15.06 -11.11
CA GLU A 175 25.21 15.07 -9.87
C GLU A 175 24.10 16.11 -9.94
N ILE A 176 22.90 15.71 -9.53
CA ILE A 176 21.76 16.60 -9.56
C ILE A 176 21.10 16.63 -8.18
N ASN A 177 20.10 17.47 -8.06
CA ASN A 177 19.38 17.70 -6.82
C ASN A 177 18.08 16.91 -6.83
N THR A 178 17.87 16.10 -5.78
CA THR A 178 16.61 15.38 -5.64
C THR A 178 15.48 16.28 -5.13
N GLY A 179 15.80 17.29 -4.31
CA GLY A 179 14.80 18.10 -3.65
C GLY A 179 14.51 17.70 -2.22
N ILE A 180 15.02 16.55 -1.78
CA ILE A 180 14.88 16.08 -0.41
C ILE A 180 16.11 16.53 0.37
N LEU A 181 15.89 17.00 1.59
CA LEU A 181 16.98 17.53 2.40
C LEU A 181 16.56 17.55 3.86
N VAL A 182 17.55 17.76 4.73
CA VAL A 182 17.35 17.79 6.17
C VAL A 182 18.12 18.96 6.74
N ALA A 183 17.50 19.68 7.67
CA ALA A 183 18.15 20.82 8.31
C ALA A 183 17.53 21.02 9.68
N ASN A 184 18.28 21.67 10.56
CA ASN A 184 17.70 22.02 11.84
C ASN A 184 16.45 22.85 11.62
N GLY A 185 15.48 22.71 12.54
CA GLY A 185 14.25 23.47 12.41
C GLY A 185 14.48 24.97 12.50
N ALA A 186 15.34 25.38 13.44
CA ALA A 186 15.65 26.80 13.55
C ALA A 186 16.39 27.29 12.32
N ASP A 187 17.41 26.56 11.88
CA ASP A 187 18.15 26.96 10.69
C ASP A 187 17.19 27.17 9.51
N LEU A 188 16.26 26.24 9.31
CA LEU A 188 15.33 26.36 8.19
C LEU A 188 14.53 27.66 8.29
N LYS A 189 14.10 28.03 9.50
CA LYS A 189 13.34 29.27 9.64
C LYS A 189 14.20 30.47 9.29
N ARG A 190 15.50 30.43 9.62
CA ARG A 190 16.39 31.54 9.27
C ARG A 190 16.57 31.66 7.76
N TRP A 191 16.90 30.55 7.10
CA TRP A 191 17.10 30.57 5.66
C TRP A 191 15.81 30.89 4.92
N LEU A 192 14.69 30.32 5.37
CA LEU A 192 13.44 30.49 4.64
C LEU A 192 13.00 31.95 4.63
N ALA A 193 13.33 32.70 5.68
CA ALA A 193 13.03 34.14 5.68
C ALA A 193 13.80 34.87 4.60
N LYS A 194 15.05 34.48 4.35
CA LYS A 194 15.90 35.16 3.39
C LYS A 194 15.49 34.92 1.94
N LEU A 195 14.53 34.03 1.68
CA LEU A 195 14.19 33.68 0.31
C LEU A 195 13.52 34.84 -0.41
N THR A 196 13.63 34.81 -1.75
CA THR A 196 13.17 35.91 -2.58
C THR A 196 12.60 35.37 -3.89
N ASN A 197 11.76 36.19 -4.52
CA ASN A 197 11.07 35.84 -5.75
C ASN A 197 11.68 36.49 -6.99
N ASN A 198 12.77 37.26 -6.83
CA ASN A 198 13.37 37.96 -7.95
C ASN A 198 14.03 36.97 -8.90
N ASN A 199 13.29 36.54 -9.91
CA ASN A 199 13.75 35.57 -10.90
C ASN A 199 12.67 35.50 -11.96
N ALA A 200 12.99 34.83 -13.07
CA ALA A 200 12.10 34.85 -14.22
C ALA A 200 10.73 34.28 -13.87
N GLN A 201 10.68 33.16 -13.15
CA GLN A 201 9.41 32.53 -12.82
C GLN A 201 8.63 33.33 -11.78
N GLY A 202 9.31 34.09 -10.92
CA GLY A 202 8.67 34.71 -9.79
C GLY A 202 8.48 33.80 -8.60
N GLU A 203 8.93 32.55 -8.69
CA GLU A 203 8.81 31.59 -7.61
C GLU A 203 9.90 31.81 -6.57
N TYR A 204 9.70 31.18 -5.41
CA TYR A 204 10.72 31.07 -4.37
C TYR A 204 11.29 29.66 -4.44
N TYR A 205 12.54 29.53 -4.83
CA TYR A 205 13.15 28.20 -4.98
C TYR A 205 13.79 27.77 -3.66
N ILE A 206 13.44 26.57 -3.19
CA ILE A 206 14.02 26.06 -1.96
C ILE A 206 15.52 25.87 -2.13
N THR A 207 15.99 25.65 -3.36
CA THR A 207 17.40 25.36 -3.60
C THR A 207 18.30 26.47 -3.10
N ASP A 208 17.76 27.69 -2.95
CA ASP A 208 18.60 28.82 -2.57
C ASP A 208 19.19 28.70 -1.17
N ILE A 209 18.57 27.92 -0.28
CA ILE A 209 19.10 27.85 1.08
C ILE A 209 20.45 27.14 1.11
N ILE A 210 20.75 26.29 0.13
CA ILE A 210 22.02 25.58 0.13
C ILE A 210 23.18 26.57 0.01
N ALA A 211 23.05 27.55 -0.88
CA ALA A 211 24.06 28.60 -0.96
C ALA A 211 24.11 29.40 0.33
N MET A 212 22.95 29.68 0.94
CA MET A 212 22.95 30.43 2.19
C MET A 212 23.79 29.74 3.24
N ALA A 213 23.69 28.42 3.34
CA ALA A 213 24.48 27.68 4.30
C ALA A 213 25.97 27.82 4.01
N TYR A 214 26.36 27.71 2.75
CA TYR A 214 27.77 27.83 2.41
C TYR A 214 28.27 29.24 2.73
N GLN A 215 27.49 30.28 2.40
CA GLN A 215 27.92 31.64 2.71
C GLN A 215 28.06 31.85 4.21
N GLU A 216 27.23 31.17 5.00
CA GLU A 216 27.30 31.29 6.45
C GLU A 216 28.42 30.43 7.05
N GLY A 217 29.14 29.67 6.23
CA GLY A 217 30.19 28.80 6.72
C GLY A 217 29.74 27.44 7.18
N HIS A 218 28.45 27.15 7.12
CA HIS A 218 27.94 25.84 7.44
C HIS A 218 28.11 24.89 6.25
N GLU A 219 28.13 23.59 6.55
CA GLU A 219 28.47 22.59 5.56
C GLU A 219 27.24 21.86 5.06
N ILE A 220 27.25 21.51 3.79
CA ILE A 220 26.22 20.70 3.17
C ILE A 220 26.83 19.37 2.78
N VAL A 221 26.22 18.29 3.25
CA VAL A 221 26.70 16.94 3.01
C VAL A 221 25.68 16.19 2.16
N ALA A 222 26.13 15.56 1.09
CA ALA A 222 25.26 14.86 0.16
C ALA A 222 25.35 13.35 0.36
N VAL A 223 24.20 12.69 0.41
CA VAL A 223 24.12 11.23 0.33
C VAL A 223 23.39 10.88 -0.95
N HIS A 224 23.42 9.60 -1.29
CA HIS A 224 22.85 9.16 -2.55
C HIS A 224 21.86 8.05 -2.29
N PRO A 225 20.78 7.98 -3.08
CA PRO A 225 19.83 6.89 -2.90
C PRO A 225 20.37 5.57 -3.43
N GLN A 226 19.82 4.47 -2.90
CA GLN A 226 20.20 3.15 -3.39
C GLN A 226 19.73 2.93 -4.83
N ARG A 227 18.46 3.21 -5.10
CA ARG A 227 17.88 3.09 -6.43
C ARG A 227 17.42 4.46 -6.90
N LEU A 228 17.42 4.65 -8.22
CA LEU A 228 16.86 5.87 -8.79
C LEU A 228 15.35 5.93 -8.64
N SER A 229 14.69 4.78 -8.47
CA SER A 229 13.24 4.79 -8.29
C SER A 229 12.84 5.52 -7.02
N GLU A 230 13.68 5.49 -5.99
CA GLU A 230 13.33 6.10 -4.73
C GLU A 230 13.05 7.59 -4.88
N VAL A 231 13.71 8.25 -5.82
CA VAL A 231 13.60 9.70 -5.98
C VAL A 231 12.76 10.08 -7.19
N GLU A 232 12.17 9.10 -7.90
CA GLU A 232 11.37 9.42 -9.07
C GLU A 232 9.97 9.85 -8.65
N GLY A 233 9.47 10.90 -9.31
CA GLY A 233 8.18 11.48 -9.01
C GLY A 233 7.18 11.36 -10.15
N VAL A 234 5.89 11.49 -9.83
CA VAL A 234 4.81 11.20 -10.76
C VAL A 234 4.13 12.50 -11.16
N ASN A 235 3.94 12.67 -12.47
CA ASN A 235 3.18 13.78 -13.01
C ASN A 235 2.10 13.35 -14.00
N ASN A 236 2.09 12.10 -14.44
CA ASN A 236 1.04 11.58 -15.31
C ASN A 236 0.85 10.09 -15.02
N ARG A 237 -0.27 9.54 -15.52
CA ARG A 237 -0.62 8.15 -15.20
C ARG A 237 0.48 7.18 -15.64
N LEU A 238 1.21 7.50 -16.71
CA LEU A 238 2.22 6.60 -17.23
C LEU A 238 3.36 6.40 -16.25
N GLN A 239 3.89 7.48 -15.69
CA GLN A 239 4.94 7.37 -14.70
C GLN A 239 4.44 6.63 -13.47
N LEU A 240 3.18 6.83 -13.10
CA LEU A 240 2.60 6.11 -11.98
C LEU A 240 2.60 4.61 -12.26
N ALA A 241 2.19 4.21 -13.47
CA ALA A 241 2.18 2.80 -13.81
C ALA A 241 3.59 2.22 -13.81
N ARG A 242 4.57 3.01 -14.23
CA ARG A 242 5.96 2.55 -14.20
C ARG A 242 6.42 2.30 -12.77
N LEU A 243 6.16 3.23 -11.86
CA LEU A 243 6.56 3.02 -10.47
C LEU A 243 5.79 1.85 -9.86
N GLU A 244 4.54 1.62 -10.30
CA GLU A 244 3.81 0.46 -9.84
C GLU A 244 4.60 -0.81 -10.14
N ARG A 245 5.07 -0.96 -11.37
CA ARG A 245 5.79 -2.17 -11.74
C ARG A 245 7.12 -2.25 -11.02
N VAL A 246 7.79 -1.11 -10.81
CA VAL A 246 9.03 -1.13 -10.05
C VAL A 246 8.77 -1.64 -8.64
N TYR A 247 7.75 -1.09 -7.99
CA TYR A 247 7.44 -1.50 -6.63
C TYR A 247 7.09 -2.98 -6.55
N GLN A 248 6.26 -3.47 -7.48
CA GLN A 248 5.84 -4.86 -7.43
C GLN A 248 7.02 -5.79 -7.62
N SER A 249 7.87 -5.49 -8.60
CA SER A 249 9.02 -6.35 -8.85
C SER A 249 10.00 -6.29 -7.68
N GLU A 250 10.08 -5.16 -6.99
CA GLU A 250 10.91 -5.10 -5.79
C GLU A 250 10.38 -6.02 -4.70
N GLN A 251 9.05 -6.08 -4.54
CA GLN A 251 8.49 -6.96 -3.53
C GLN A 251 8.64 -8.42 -3.93
N ALA A 252 8.49 -8.71 -5.22
CA ALA A 252 8.55 -10.10 -5.67
C ALA A 252 9.93 -10.71 -5.43
N GLU A 253 10.99 -9.94 -5.69
CA GLU A 253 12.33 -10.45 -5.45
C GLU A 253 12.55 -10.74 -3.98
N LYS A 254 12.07 -9.84 -3.11
CA LYS A 254 12.20 -10.06 -1.68
C LYS A 254 11.50 -11.35 -1.27
N LEU A 255 10.26 -11.55 -1.74
CA LEU A 255 9.52 -12.74 -1.36
C LEU A 255 10.22 -14.00 -1.85
N LEU A 256 10.77 -13.96 -3.07
CA LEU A 256 11.45 -15.13 -3.62
C LEU A 256 12.67 -15.50 -2.78
N LEU A 257 13.49 -14.51 -2.43
CA LEU A 257 14.66 -14.78 -1.60
C LEU A 257 14.27 -15.21 -0.18
N ALA A 258 13.07 -14.85 0.26
CA ALA A 258 12.58 -15.24 1.57
C ALA A 258 11.97 -16.64 1.58
N GLY A 259 11.95 -17.32 0.43
CA GLY A 259 11.44 -18.68 0.35
C GLY A 259 10.00 -18.81 -0.08
N VAL A 260 9.40 -17.75 -0.59
CA VAL A 260 8.08 -17.79 -1.20
C VAL A 260 8.28 -17.96 -2.70
N MET A 261 7.79 -19.06 -3.25
CA MET A 261 7.95 -19.31 -4.68
C MET A 261 6.86 -18.58 -5.46
N LEU A 262 7.27 -17.85 -6.50
CA LEU A 262 6.36 -17.21 -7.43
C LEU A 262 6.64 -17.79 -8.82
N ARG A 263 5.61 -18.43 -9.41
CA ARG A 263 5.81 -19.05 -10.71
C ARG A 263 6.31 -18.04 -11.73
N ASP A 264 5.65 -16.88 -11.79
CA ASP A 264 6.10 -15.77 -12.63
C ASP A 264 6.06 -14.48 -11.83
N PRO A 265 7.20 -13.93 -11.45
CA PRO A 265 7.20 -12.69 -10.64
C PRO A 265 6.57 -11.49 -11.33
N ALA A 266 6.66 -11.39 -12.67
CA ALA A 266 6.08 -10.24 -13.35
C ALA A 266 4.56 -10.21 -13.23
N ARG A 267 3.93 -11.38 -13.17
CA ARG A 267 2.49 -11.50 -12.97
C ARG A 267 2.14 -11.74 -11.52
N PHE A 268 2.65 -10.89 -10.63
CA PHE A 268 2.31 -10.98 -9.22
C PHE A 268 2.15 -9.57 -8.69
N ASP A 269 1.00 -9.30 -8.07
CA ASP A 269 0.71 -7.99 -7.53
C ASP A 269 0.38 -8.12 -6.06
N LEU A 270 1.14 -7.42 -5.23
CA LEU A 270 0.90 -7.34 -3.81
C LEU A 270 0.49 -5.92 -3.47
N ARG A 271 -0.73 -5.77 -2.93
CA ARG A 271 -1.26 -4.48 -2.49
C ARG A 271 -1.49 -4.59 -0.99
N GLY A 272 -0.42 -4.40 -0.21
CA GLY A 272 -0.53 -4.51 1.23
C GLY A 272 0.62 -5.23 1.89
N VAL A 273 0.30 -6.10 2.86
CA VAL A 273 1.30 -6.78 3.67
C VAL A 273 1.02 -8.27 3.67
N LEU A 274 2.05 -9.08 3.43
CA LEU A 274 1.94 -10.53 3.40
C LEU A 274 2.79 -11.14 4.49
N LYS A 275 2.18 -12.04 5.27
CA LYS A 275 2.88 -12.88 6.22
C LYS A 275 2.86 -14.30 5.65
N HIS A 276 4.03 -14.82 5.33
CA HIS A 276 4.14 -16.09 4.63
C HIS A 276 4.84 -17.11 5.50
N GLY A 277 4.29 -18.33 5.54
CA GLY A 277 4.98 -19.46 6.09
C GLY A 277 6.05 -19.93 5.14
N ARG A 278 6.59 -21.11 5.43
CA ARG A 278 7.58 -21.72 4.55
C ARG A 278 6.91 -22.44 3.39
N ASP A 279 7.63 -22.54 2.28
CA ASP A 279 7.20 -23.38 1.17
C ASP A 279 5.83 -22.97 0.63
N VAL A 280 5.53 -21.69 0.68
CA VAL A 280 4.33 -21.19 0.03
C VAL A 280 4.60 -21.08 -1.47
N GLU A 281 3.61 -21.47 -2.28
CA GLU A 281 3.73 -21.37 -3.73
C GLU A 281 2.56 -20.58 -4.29
N ILE A 282 2.86 -19.60 -5.14
CA ILE A 282 1.88 -18.69 -5.71
C ILE A 282 2.03 -18.74 -7.23
N ASP A 283 0.95 -19.10 -7.93
CA ASP A 283 1.02 -19.25 -9.37
C ASP A 283 0.82 -17.89 -10.04
N THR A 284 0.60 -17.88 -11.34
CA THR A 284 0.61 -16.66 -12.12
C THR A 284 -0.66 -15.83 -11.90
N ASN A 285 -0.50 -14.52 -12.00
CA ASN A 285 -1.62 -13.57 -12.01
C ASN A 285 -2.41 -13.59 -10.72
N VAL A 286 -1.75 -13.84 -9.61
CA VAL A 286 -2.38 -13.72 -8.31
C VAL A 286 -2.29 -12.26 -7.85
N ILE A 287 -3.35 -11.79 -7.21
CA ILE A 287 -3.39 -10.47 -6.60
C ILE A 287 -3.68 -10.65 -5.12
N LEU A 288 -2.83 -10.06 -4.28
CA LEU A 288 -3.00 -10.07 -2.84
C LEU A 288 -3.33 -8.65 -2.39
N GLN A 289 -4.25 -8.52 -1.44
CA GLN A 289 -4.78 -7.22 -1.07
C GLN A 289 -4.97 -7.12 0.43
N GLY A 290 -4.80 -5.90 0.94
CA GLY A 290 -4.98 -5.68 2.37
C GLY A 290 -3.91 -6.41 3.14
N HIS A 291 -4.33 -7.20 4.12
CA HIS A 291 -3.43 -7.98 4.96
C HIS A 291 -3.77 -9.45 4.77
N VAL A 292 -2.88 -10.17 4.10
CA VAL A 292 -3.06 -11.60 3.85
C VAL A 292 -2.09 -12.35 4.73
N VAL A 293 -2.57 -13.45 5.29
CA VAL A 293 -1.76 -14.36 6.09
C VAL A 293 -1.85 -15.73 5.45
N LEU A 294 -0.70 -16.29 5.12
CA LEU A 294 -0.62 -17.62 4.52
C LEU A 294 0.21 -18.52 5.41
N GLY A 295 -0.28 -19.73 5.61
CA GLY A 295 0.43 -20.72 6.41
C GLY A 295 1.55 -21.38 5.64
N ASP A 296 2.15 -22.37 6.28
CA ASP A 296 3.18 -23.16 5.64
C ASP A 296 2.56 -24.02 4.55
N ARG A 297 3.27 -24.15 3.43
CA ARG A 297 2.86 -25.01 2.33
C ARG A 297 1.49 -24.64 1.77
N VAL A 298 1.12 -23.37 1.84
CA VAL A 298 -0.10 -22.93 1.17
C VAL A 298 0.17 -22.83 -0.32
N LYS A 299 -0.82 -23.21 -1.12
CA LYS A 299 -0.77 -23.10 -2.57
C LYS A 299 -1.84 -22.12 -3.03
N ILE A 300 -1.49 -21.28 -3.99
CA ILE A 300 -2.42 -20.30 -4.53
C ILE A 300 -2.50 -20.51 -6.04
N GLY A 301 -3.70 -20.78 -6.54
CA GLY A 301 -3.86 -21.07 -7.94
C GLY A 301 -3.71 -19.82 -8.80
N ALA A 302 -3.50 -20.06 -10.09
CA ALA A 302 -3.43 -18.96 -11.04
C ALA A 302 -4.68 -18.11 -10.97
N GLY A 303 -4.49 -16.79 -10.95
CA GLY A 303 -5.60 -15.87 -11.06
C GLY A 303 -6.36 -15.58 -9.80
N CYS A 304 -5.96 -16.14 -8.66
CA CYS A 304 -6.69 -15.91 -7.44
C CYS A 304 -6.53 -14.48 -6.94
N VAL A 305 -7.48 -14.05 -6.12
CA VAL A 305 -7.43 -12.76 -5.44
C VAL A 305 -7.78 -12.99 -3.98
N ILE A 306 -6.90 -12.55 -3.09
CA ILE A 306 -7.10 -12.72 -1.66
C ILE A 306 -6.97 -11.36 -1.00
N LYS A 307 -7.94 -11.03 -0.13
CA LYS A 307 -7.98 -9.73 0.52
C LYS A 307 -8.29 -9.93 1.99
N ASP A 308 -7.42 -9.39 2.85
CA ASP A 308 -7.68 -9.30 4.28
C ASP A 308 -8.13 -10.66 4.83
N SER A 309 -7.44 -11.72 4.40
CA SER A 309 -7.85 -13.08 4.72
C SER A 309 -6.69 -13.88 5.31
N VAL A 310 -7.05 -14.94 6.03
CA VAL A 310 -6.09 -15.82 6.68
C VAL A 310 -6.32 -17.22 6.14
N ILE A 311 -5.24 -17.86 5.70
CA ILE A 311 -5.30 -19.20 5.12
C ILE A 311 -4.46 -20.11 5.99
N GLY A 312 -5.05 -21.23 6.39
CA GLY A 312 -4.36 -22.14 7.28
C GLY A 312 -3.22 -22.86 6.58
N ASP A 313 -2.41 -23.54 7.40
CA ASP A 313 -1.34 -24.36 6.85
C ASP A 313 -1.92 -25.37 5.88
N ASP A 314 -1.21 -25.59 4.77
CA ASP A 314 -1.49 -26.67 3.82
C ASP A 314 -2.78 -26.47 3.05
N CYS A 315 -3.48 -25.36 3.24
CA CYS A 315 -4.63 -25.07 2.39
C CYS A 315 -4.20 -24.97 0.94
N GLU A 316 -5.10 -25.34 0.04
CA GLU A 316 -4.85 -25.26 -1.39
C GLU A 316 -6.02 -24.52 -2.02
N ILE A 317 -5.75 -23.31 -2.52
CA ILE A 317 -6.74 -22.52 -3.23
C ILE A 317 -6.56 -22.78 -4.72
N SER A 318 -7.57 -23.36 -5.34
CA SER A 318 -7.54 -23.67 -6.76
C SER A 318 -7.74 -22.41 -7.59
N PRO A 319 -7.46 -22.48 -8.89
CA PRO A 319 -7.37 -21.26 -9.69
C PRO A 319 -8.67 -20.47 -9.78
N TYR A 320 -8.52 -19.18 -10.04
CA TYR A 320 -9.64 -18.28 -10.31
C TYR A 320 -10.66 -18.31 -9.17
N SER A 321 -10.17 -18.32 -7.94
CA SER A 321 -10.98 -18.19 -6.74
C SER A 321 -10.79 -16.78 -6.17
N VAL A 322 -11.86 -16.24 -5.59
CA VAL A 322 -11.85 -14.90 -5.04
C VAL A 322 -12.25 -14.98 -3.57
N VAL A 323 -11.41 -14.44 -2.71
CA VAL A 323 -11.56 -14.56 -1.26
C VAL A 323 -11.46 -13.17 -0.66
N GLU A 324 -12.41 -12.84 0.22
CA GLU A 324 -12.40 -11.54 0.89
C GLU A 324 -12.78 -11.75 2.34
N ASP A 325 -11.94 -11.22 3.23
CA ASP A 325 -12.12 -11.32 4.69
C ASP A 325 -12.67 -12.67 5.11
N ALA A 326 -12.06 -13.73 4.62
CA ALA A 326 -12.40 -15.09 5.02
C ALA A 326 -11.31 -15.64 5.94
N GLN A 327 -11.70 -16.61 6.75
CA GLN A 327 -10.79 -17.24 7.71
C GLN A 327 -10.82 -18.74 7.42
N LEU A 328 -9.71 -19.27 6.91
CA LEU A 328 -9.60 -20.68 6.60
C LEU A 328 -8.67 -21.36 7.59
N GLN A 329 -9.12 -22.47 8.14
CA GLN A 329 -8.25 -23.28 8.98
C GLN A 329 -7.36 -24.13 8.09
N ALA A 330 -6.49 -24.92 8.73
CA ALA A 330 -5.55 -25.74 7.99
C ALA A 330 -6.27 -26.83 7.21
N ALA A 331 -5.65 -27.25 6.11
CA ALA A 331 -6.07 -28.37 5.27
C ALA A 331 -7.29 -28.05 4.42
N CYS A 332 -7.83 -26.84 4.52
CA CYS A 332 -8.97 -26.48 3.67
C CYS A 332 -8.55 -26.49 2.21
N THR A 333 -9.51 -26.84 1.36
CA THR A 333 -9.36 -26.66 -0.07
C THR A 333 -10.58 -25.90 -0.57
N ILE A 334 -10.39 -25.09 -1.59
CA ILE A 334 -11.48 -24.37 -2.23
C ILE A 334 -11.18 -24.30 -3.72
N GLY A 335 -12.19 -23.83 -4.47
CA GLY A 335 -12.05 -23.64 -5.89
C GLY A 335 -11.99 -24.97 -6.63
N PRO A 336 -11.83 -24.90 -7.96
CA PRO A 336 -11.69 -23.70 -8.81
C PRO A 336 -12.98 -22.92 -8.92
N PHE A 337 -12.94 -21.62 -9.23
CA PHE A 337 -14.13 -20.78 -9.38
C PHE A 337 -14.92 -20.64 -8.09
N ALA A 338 -14.32 -20.94 -6.95
CA ALA A 338 -14.95 -20.65 -5.66
C ALA A 338 -14.95 -19.15 -5.40
N ARG A 339 -15.93 -18.71 -4.61
CA ARG A 339 -16.07 -17.29 -4.27
C ARG A 339 -16.44 -17.21 -2.80
N LEU A 340 -15.61 -16.53 -2.00
CA LEU A 340 -15.83 -16.40 -0.56
C LEU A 340 -16.10 -14.93 -0.25
N ARG A 341 -17.34 -14.62 0.10
CA ARG A 341 -17.71 -13.30 0.55
C ARG A 341 -17.13 -13.03 1.94
N PRO A 342 -17.10 -11.77 2.37
CA PRO A 342 -16.56 -11.46 3.69
C PRO A 342 -17.33 -12.19 4.79
N GLY A 343 -16.59 -12.57 5.84
CA GLY A 343 -17.16 -13.29 6.94
C GLY A 343 -17.21 -14.79 6.74
N ALA A 344 -16.89 -15.28 5.55
CA ALA A 344 -16.83 -16.72 5.35
C ALA A 344 -15.78 -17.32 6.27
N GLU A 345 -15.95 -18.59 6.60
CA GLU A 345 -15.01 -19.29 7.47
C GLU A 345 -15.10 -20.78 7.18
N LEU A 346 -13.95 -21.42 7.05
CA LEU A 346 -13.87 -22.86 6.84
C LEU A 346 -13.13 -23.48 8.01
N LEU A 347 -13.61 -24.64 8.43
CA LEU A 347 -12.93 -25.43 9.44
C LEU A 347 -11.99 -26.44 8.78
N GLU A 348 -11.16 -27.07 9.60
CA GLU A 348 -10.10 -27.92 9.06
C GLU A 348 -10.66 -29.02 8.18
N GLY A 349 -10.08 -29.16 6.99
CA GLY A 349 -10.47 -30.19 6.05
C GLY A 349 -11.64 -29.86 5.16
N ALA A 350 -12.27 -28.70 5.33
CA ALA A 350 -13.44 -28.34 4.55
C ALA A 350 -13.05 -28.10 3.10
N HIS A 351 -13.97 -28.46 2.20
CA HIS A 351 -13.81 -28.24 0.77
C HIS A 351 -14.93 -27.33 0.27
N VAL A 352 -14.56 -26.32 -0.52
CA VAL A 352 -15.51 -25.50 -1.25
C VAL A 352 -15.25 -25.74 -2.73
N GLY A 353 -16.30 -26.14 -3.46
CA GLY A 353 -16.16 -26.50 -4.85
C GLY A 353 -16.38 -25.32 -5.77
N ASN A 354 -16.44 -25.64 -7.07
CA ASN A 354 -16.59 -24.61 -8.09
C ASN A 354 -17.99 -24.02 -8.07
N PHE A 355 -18.08 -22.74 -8.44
CA PHE A 355 -19.34 -22.01 -8.52
C PHE A 355 -20.09 -22.07 -7.20
N VAL A 356 -19.36 -21.89 -6.10
CA VAL A 356 -19.90 -21.94 -4.74
C VAL A 356 -19.57 -20.62 -4.06
N GLU A 357 -20.57 -20.03 -3.40
CA GLU A 357 -20.42 -18.76 -2.69
C GLU A 357 -20.74 -18.94 -1.21
N MET A 358 -20.10 -18.13 -0.38
CA MET A 358 -20.28 -18.21 1.07
C MET A 358 -20.19 -16.82 1.66
N LYS A 359 -21.25 -16.40 2.37
CA LYS A 359 -21.30 -15.10 3.01
C LYS A 359 -21.70 -15.30 4.46
N LYS A 360 -20.87 -14.79 5.37
CA LYS A 360 -21.16 -14.86 6.80
C LYS A 360 -21.56 -16.27 7.21
N ALA A 361 -20.80 -17.25 6.71
CA ALA A 361 -21.10 -18.66 6.93
C ALA A 361 -19.85 -19.38 7.39
N ARG A 362 -20.06 -20.51 8.08
CA ARG A 362 -18.97 -21.37 8.51
C ARG A 362 -19.24 -22.79 8.06
N LEU A 363 -18.25 -23.41 7.42
CA LEU A 363 -18.36 -24.77 6.92
C LEU A 363 -17.66 -25.72 7.89
N GLY A 364 -18.31 -26.84 8.18
CA GLY A 364 -17.80 -27.74 9.19
C GLY A 364 -16.53 -28.44 8.77
N LYS A 365 -15.92 -29.14 9.74
CA LYS A 365 -14.68 -29.86 9.48
C LYS A 365 -14.95 -31.06 8.59
N GLY A 366 -14.16 -31.19 7.52
CA GLY A 366 -14.41 -32.23 6.55
C GLY A 366 -15.76 -32.10 5.88
N SER A 367 -16.26 -30.87 5.71
CA SER A 367 -17.56 -30.62 5.12
C SER A 367 -17.38 -30.04 3.73
N LYS A 368 -18.15 -30.57 2.79
CA LYS A 368 -17.99 -30.27 1.37
C LYS A 368 -19.22 -29.56 0.84
N ALA A 369 -19.00 -28.53 0.02
CA ALA A 369 -20.07 -27.87 -0.75
C ALA A 369 -19.54 -27.83 -2.18
N GLY A 370 -19.70 -28.93 -2.91
CA GLY A 370 -18.92 -29.15 -4.10
C GLY A 370 -19.37 -28.40 -5.33
N HIS A 371 -20.66 -28.06 -5.41
CA HIS A 371 -21.19 -27.54 -6.66
C HIS A 371 -22.29 -26.52 -6.42
N LEU A 372 -22.28 -25.47 -7.25
CA LEU A 372 -23.43 -24.59 -7.51
C LEU A 372 -24.25 -24.28 -6.26
N SER A 373 -23.58 -24.07 -5.14
CA SER A 373 -24.25 -23.90 -3.85
C SER A 373 -23.96 -22.50 -3.32
N TYR A 374 -25.01 -21.82 -2.83
CA TYR A 374 -24.85 -20.56 -2.11
C TYR A 374 -25.18 -20.78 -0.63
N LEU A 375 -24.34 -20.23 0.24
CA LEU A 375 -24.51 -20.34 1.68
C LEU A 375 -24.54 -18.94 2.27
N GLY A 376 -25.59 -18.64 3.04
CA GLY A 376 -25.78 -17.31 3.56
C GLY A 376 -26.21 -17.29 5.01
N ASP A 377 -25.47 -16.52 5.83
CA ASP A 377 -25.74 -16.40 7.26
C ASP A 377 -26.09 -17.77 7.85
N ALA A 378 -25.14 -18.69 7.71
CA ALA A 378 -25.40 -20.09 8.04
C ALA A 378 -24.21 -20.66 8.81
N GLU A 379 -24.49 -21.75 9.53
CA GLU A 379 -23.47 -22.49 10.27
C GLU A 379 -23.63 -23.97 9.98
N ILE A 380 -22.54 -24.62 9.58
CA ILE A 380 -22.58 -26.00 9.13
C ILE A 380 -21.83 -26.87 10.11
N GLY A 381 -22.41 -28.01 10.44
CA GLY A 381 -21.74 -28.96 11.29
C GLY A 381 -20.64 -29.72 10.58
N ASP A 382 -19.84 -30.41 11.38
CA ASP A 382 -18.74 -31.19 10.86
C ASP A 382 -19.24 -32.41 10.09
N ASN A 383 -18.48 -32.80 9.05
CA ASN A 383 -18.75 -33.96 8.22
C ASN A 383 -20.01 -33.82 7.39
N VAL A 384 -20.58 -32.61 7.34
CA VAL A 384 -21.77 -32.38 6.54
C VAL A 384 -21.43 -32.50 5.06
N ASN A 385 -22.41 -32.93 4.28
CA ASN A 385 -22.33 -32.94 2.82
C ASN A 385 -23.41 -32.02 2.28
N ILE A 386 -23.00 -31.05 1.45
CA ILE A 386 -23.92 -30.05 0.91
C ILE A 386 -24.17 -30.40 -0.55
N GLY A 387 -25.44 -30.62 -0.90
CA GLY A 387 -25.75 -31.04 -2.24
C GLY A 387 -25.46 -29.95 -3.27
N ALA A 388 -25.18 -30.40 -4.49
CA ALA A 388 -25.08 -29.49 -5.62
C ALA A 388 -26.38 -28.73 -5.78
N GLY A 389 -26.28 -27.42 -5.96
CA GLY A 389 -27.45 -26.59 -6.15
C GLY A 389 -28.13 -26.13 -4.89
N THR A 390 -27.59 -26.47 -3.72
CA THR A 390 -28.18 -26.04 -2.47
C THR A 390 -28.14 -24.52 -2.33
N ILE A 391 -29.23 -23.94 -1.87
CA ILE A 391 -29.38 -22.48 -1.79
C ILE A 391 -30.06 -22.12 -0.47
N THR A 392 -29.60 -21.04 0.15
CA THR A 392 -30.17 -20.54 1.40
C THR A 392 -30.68 -19.12 1.20
N CYS A 393 -31.94 -18.88 1.55
CA CYS A 393 -32.50 -17.53 1.55
C CYS A 393 -32.48 -16.97 2.96
N ASN A 394 -31.28 -16.61 3.38
CA ASN A 394 -31.04 -15.94 4.65
C ASN A 394 -31.95 -14.74 4.87
N LYS A 402 -30.89 -16.25 9.63
CA LYS A 402 -29.81 -17.22 9.73
C LYS A 402 -30.32 -18.67 9.68
N THR A 403 -29.52 -19.56 9.08
CA THR A 403 -29.84 -20.99 8.93
C THR A 403 -28.72 -21.81 9.55
N ILE A 404 -29.07 -22.87 10.30
CA ILE A 404 -28.08 -23.69 10.97
C ILE A 404 -28.29 -25.16 10.61
N ILE A 405 -27.18 -25.89 10.54
CA ILE A 405 -27.17 -27.31 10.22
C ILE A 405 -26.28 -28.05 11.22
N GLY A 406 -26.77 -29.20 11.69
CA GLY A 406 -26.05 -29.98 12.67
C GLY A 406 -24.93 -30.80 12.06
N ASP A 407 -24.20 -31.50 12.93
CA ASP A 407 -23.08 -32.32 12.51
C ASP A 407 -23.58 -33.61 11.85
N ASP A 408 -22.92 -33.99 10.74
CA ASP A 408 -23.20 -35.24 10.03
C ASP A 408 -24.52 -35.19 9.26
N VAL A 409 -24.94 -33.99 8.86
CA VAL A 409 -26.11 -33.84 8.01
C VAL A 409 -25.72 -34.08 6.56
N PHE A 410 -26.66 -34.63 5.78
CA PHE A 410 -26.54 -34.70 4.33
C PHE A 410 -27.65 -33.88 3.70
N VAL A 411 -27.33 -33.14 2.63
CA VAL A 411 -28.28 -32.26 1.96
C VAL A 411 -28.42 -32.70 0.51
N GLY A 412 -29.67 -32.89 0.08
CA GLY A 412 -29.91 -33.34 -1.27
C GLY A 412 -29.61 -32.28 -2.30
N SER A 413 -29.36 -32.75 -3.51
CA SER A 413 -29.09 -31.83 -4.62
C SER A 413 -30.28 -30.90 -4.84
N ASP A 414 -29.98 -29.60 -4.89
CA ASP A 414 -30.97 -28.56 -5.20
C ASP A 414 -31.92 -28.32 -4.02
N THR A 415 -31.46 -28.59 -2.81
CA THR A 415 -32.26 -28.30 -1.62
C THR A 415 -32.26 -26.80 -1.34
N GLN A 416 -33.43 -26.27 -0.98
CA GLN A 416 -33.56 -24.88 -0.57
C GLN A 416 -33.93 -24.83 0.91
N LEU A 417 -33.24 -23.96 1.67
CA LEU A 417 -33.49 -23.79 3.09
C LEU A 417 -33.81 -22.33 3.36
N VAL A 418 -34.97 -22.09 3.95
CA VAL A 418 -35.46 -20.74 4.19
C VAL A 418 -35.12 -20.36 5.62
N ALA A 419 -34.31 -19.33 5.79
CA ALA A 419 -33.94 -18.88 7.12
C ALA A 419 -35.14 -18.29 7.84
N PRO A 420 -35.24 -18.47 9.16
CA PRO A 420 -34.36 -19.28 10.01
C PRO A 420 -34.78 -20.75 10.05
N VAL A 421 -33.95 -21.66 9.55
CA VAL A 421 -34.20 -23.10 9.64
C VAL A 421 -33.02 -23.75 10.33
N SER A 422 -33.30 -24.48 11.40
CA SER A 422 -32.31 -25.29 12.08
C SER A 422 -32.52 -26.75 11.70
N VAL A 423 -31.42 -27.46 11.46
CA VAL A 423 -31.44 -28.84 11.00
C VAL A 423 -30.66 -29.70 11.99
N GLY A 424 -31.25 -30.83 12.37
CA GLY A 424 -30.67 -31.65 13.42
C GLY A 424 -29.45 -32.43 12.96
N ASN A 425 -28.69 -32.89 13.95
CA ASN A 425 -27.51 -33.70 13.69
C ASN A 425 -27.92 -35.04 13.09
N GLY A 426 -27.19 -35.48 12.07
CA GLY A 426 -27.49 -36.72 11.40
C GLY A 426 -28.66 -36.68 10.46
N VAL A 427 -29.37 -35.56 10.39
CA VAL A 427 -30.49 -35.42 9.47
C VAL A 427 -30.03 -35.75 8.06
N THR A 428 -30.91 -36.38 7.28
CA THR A 428 -30.68 -36.62 5.86
C THR A 428 -31.89 -36.06 5.10
N ILE A 429 -31.62 -35.30 4.04
CA ILE A 429 -32.64 -34.54 3.34
C ILE A 429 -32.64 -34.98 1.87
N ALA A 430 -33.83 -34.99 1.28
CA ALA A 430 -34.04 -35.50 -0.07
C ALA A 430 -33.80 -34.41 -1.13
N ALA A 431 -33.48 -34.86 -2.33
CA ALA A 431 -33.25 -33.94 -3.45
C ALA A 431 -34.55 -33.19 -3.78
N GLY A 432 -34.39 -31.94 -4.19
CA GLY A 432 -35.52 -31.12 -4.53
C GLY A 432 -36.30 -30.58 -3.36
N THR A 433 -36.01 -31.03 -2.14
CA THR A 433 -36.76 -30.57 -0.98
C THR A 433 -36.61 -29.06 -0.81
N THR A 434 -37.66 -28.45 -0.28
CA THR A 434 -37.66 -27.04 0.11
C THR A 434 -38.08 -27.00 1.58
N VAL A 435 -37.33 -26.28 2.41
CA VAL A 435 -37.44 -26.39 3.86
C VAL A 435 -37.86 -25.04 4.44
N THR A 436 -38.93 -25.04 5.23
CA THR A 436 -39.40 -23.86 5.94
C THR A 436 -39.48 -24.05 7.45
N ARG A 437 -39.58 -25.28 7.94
CA ARG A 437 -39.58 -25.58 9.37
C ARG A 437 -38.23 -26.16 9.77
N ASN A 438 -38.04 -26.33 11.08
CA ASN A 438 -36.84 -27.00 11.57
C ASN A 438 -37.03 -28.51 11.49
N ILE A 439 -35.91 -29.24 11.57
CA ILE A 439 -35.91 -30.69 11.35
C ILE A 439 -35.26 -31.37 12.57
N ALA A 440 -35.93 -32.41 13.07
CA ALA A 440 -35.45 -33.12 14.25
C ALA A 440 -34.19 -33.92 13.93
N ASP A 441 -33.40 -34.18 14.97
CA ASP A 441 -32.17 -34.95 14.80
C ASP A 441 -32.48 -36.32 14.22
N ASN A 442 -31.62 -36.78 13.32
CA ASN A 442 -31.69 -38.13 12.78
C ASN A 442 -32.99 -38.40 12.05
N GLU A 443 -33.69 -37.36 11.64
CA GLU A 443 -34.96 -37.50 10.94
C GLU A 443 -34.74 -37.28 9.45
N LEU A 444 -35.13 -38.26 8.65
CA LEU A 444 -35.14 -38.12 7.20
C LEU A 444 -36.33 -37.26 6.79
N VAL A 445 -36.11 -36.39 5.80
CA VAL A 445 -37.09 -35.41 5.37
C VAL A 445 -37.21 -35.42 3.85
N LEU A 446 -38.45 -35.43 3.36
CA LEU A 446 -38.73 -35.29 1.92
C LEU A 446 -40.10 -34.65 1.72
#